data_5IW9
#
_entry.id   5IW9
#
_cell.length_a   69.859
_cell.length_b   69.859
_cell.length_c   222.179
_cell.angle_alpha   90.00
_cell.angle_beta   90.00
_cell.angle_gamma   90.00
#
_symmetry.space_group_name_H-M   'P 41 2 2'
#
loop_
_entity.id
_entity.type
_entity.pdbx_description
1 polymer 'Baseplate wedge protein gp25'
2 water water
#
_entity_poly.entity_id   1
_entity_poly.type   'polypeptide(L)'
_entity_poly.pdbx_seq_one_letter_code
;ANINKLYSDIDPE(MSE)K(MSE)DWNKDVSRSLGLRSIKNSLLGIITTRKGSRPFDPEFGCDLSDQLFEN(MSE)TPLT
ADTVERNIESAVRNYEPRIDKLAVNVIPVYDDYTLIVEIRFSVIDNPDDIEQIKLQLASSNRV
;
_entity_poly.pdbx_strand_id   A,B
#
# COMPACT_ATOMS: atom_id res chain seq x y z
N ASN A 2 -19.95 25.58 32.21
CA ASN A 2 -18.98 25.58 31.12
C ASN A 2 -18.66 24.15 30.65
N ILE A 3 -18.23 23.31 31.59
CA ILE A 3 -17.87 21.92 31.29
C ILE A 3 -18.32 21.06 32.46
N ASN A 4 -19.04 19.98 32.17
CA ASN A 4 -19.40 18.99 33.17
C ASN A 4 -18.21 18.04 33.35
N LYS A 5 -17.56 18.12 34.51
CA LYS A 5 -16.30 17.40 34.72
C LYS A 5 -16.51 15.89 34.66
N LEU A 6 -15.53 15.20 34.09
CA LEU A 6 -15.55 13.75 33.92
C LEU A 6 -14.64 13.13 34.96
N TYR A 7 -15.19 12.23 35.77
CA TYR A 7 -14.43 11.57 36.84
C TYR A 7 -13.52 10.52 36.22
N SER A 8 -12.35 10.97 35.76
CA SER A 8 -11.32 10.09 35.26
C SER A 8 -10.17 9.90 36.26
N ASP A 9 -10.36 10.34 37.51
CA ASP A 9 -9.32 10.18 38.52
C ASP A 9 -9.11 8.72 38.86
N ILE A 10 -10.19 7.94 38.91
CA ILE A 10 -10.14 6.49 39.13
C ILE A 10 -10.89 5.85 37.98
N ASP A 11 -10.18 5.12 37.12
CA ASP A 11 -10.80 4.54 35.94
C ASP A 11 -9.98 3.36 35.42
N PRO A 12 -10.24 2.14 35.90
CA PRO A 12 -9.49 0.97 35.40
C PRO A 12 -10.22 0.23 34.30
N GLU A 13 -11.16 -0.64 34.66
CA GLU A 13 -11.86 -1.47 33.69
C GLU A 13 -12.90 -0.70 32.90
N MSE A 14 -13.18 0.55 33.26
CA MSE A 14 -14.13 1.37 32.51
C MSE A 14 -13.45 2.04 31.31
O MSE A 14 -14.03 2.91 30.67
CB MSE A 14 -14.77 2.43 33.41
CG MSE A 14 -15.59 1.87 34.54
SE MSE A 14 -17.25 2.86 34.78
CE MSE A 14 -16.53 4.66 34.60
N LYS A 15 -12.21 1.62 31.04
CA LYS A 15 -11.48 2.16 29.90
C LYS A 15 -12.16 1.76 28.60
N MSE A 16 -12.36 2.73 27.71
CA MSE A 16 -12.92 2.47 26.40
C MSE A 16 -11.95 2.89 25.32
O MSE A 16 -11.22 3.87 25.49
CB MSE A 16 -14.25 3.21 26.22
CG MSE A 16 -15.13 3.22 27.45
SE MSE A 16 -16.87 4.03 27.08
CE MSE A 16 -17.45 2.82 25.66
N ASP A 17 -11.91 2.15 24.21
CA ASP A 17 -11.09 2.51 23.06
C ASP A 17 -12.01 2.56 21.85
N TRP A 18 -12.34 3.77 21.42
CA TRP A 18 -13.29 3.98 20.33
C TRP A 18 -12.63 3.92 18.95
N ASN A 19 -11.34 3.58 18.88
CA ASN A 19 -10.61 3.52 17.62
C ASN A 19 -10.28 2.10 17.18
N LYS A 20 -10.64 1.08 17.96
CA LYS A 20 -10.27 -0.29 17.62
C LYS A 20 -10.77 -0.68 16.23
N ASP A 21 -12.09 -0.65 16.05
CA ASP A 21 -12.68 -1.10 14.78
C ASP A 21 -12.31 -0.15 13.64
N VAL A 22 -12.15 1.14 13.93
CA VAL A 22 -11.78 2.08 12.87
C VAL A 22 -10.39 1.75 12.35
N SER A 23 -9.40 1.65 13.25
CA SER A 23 -8.03 1.40 12.80
C SER A 23 -7.88 0.01 12.21
N ARG A 24 -8.62 -0.98 12.73
CA ARG A 24 -8.55 -2.31 12.14
C ARG A 24 -9.16 -2.34 10.75
N SER A 25 -10.34 -1.74 10.57
CA SER A 25 -10.99 -1.78 9.27
C SER A 25 -10.26 -0.92 8.24
N LEU A 26 -9.67 0.20 8.68
CA LEU A 26 -8.79 0.96 7.81
C LEU A 26 -7.58 0.12 7.39
N GLY A 27 -6.98 -0.59 8.35
CA GLY A 27 -5.87 -1.48 8.02
C GLY A 27 -6.25 -2.49 6.96
N LEU A 28 -7.40 -3.15 7.13
CA LEU A 28 -7.83 -4.14 6.16
C LEU A 28 -8.09 -3.52 4.79
N ARG A 29 -8.72 -2.33 4.77
CA ARG A 29 -8.98 -1.68 3.49
C ARG A 29 -7.68 -1.33 2.77
N SER A 30 -6.69 -0.81 3.50
CA SER A 30 -5.42 -0.47 2.88
C SER A 30 -4.68 -1.72 2.41
N ILE A 31 -4.86 -2.85 3.11
CA ILE A 31 -4.23 -4.08 2.67
C ILE A 31 -4.87 -4.60 1.39
N LYS A 32 -6.20 -4.55 1.30
CA LYS A 32 -6.87 -5.01 0.08
C LYS A 32 -6.49 -4.13 -1.11
N ASN A 33 -6.48 -2.81 -0.92
CA ASN A 33 -6.05 -1.93 -2.01
C ASN A 33 -4.59 -2.17 -2.39
N SER A 34 -3.73 -2.43 -1.39
CA SER A 34 -2.35 -2.77 -1.68
C SER A 34 -2.25 -4.03 -2.52
N LEU A 35 -3.03 -5.06 -2.17
CA LEU A 35 -3.07 -6.29 -2.95
C LEU A 35 -3.46 -6.01 -4.39
N LEU A 36 -4.53 -5.24 -4.60
CA LEU A 36 -4.96 -4.94 -5.96
C LEU A 36 -3.86 -4.23 -6.75
N GLY A 37 -3.20 -3.25 -6.12
CA GLY A 37 -2.10 -2.58 -6.81
C GLY A 37 -0.96 -3.52 -7.15
N ILE A 38 -0.65 -4.46 -6.27
CA ILE A 38 0.41 -5.43 -6.55
C ILE A 38 0.03 -6.31 -7.73
N ILE A 39 -1.20 -6.80 -7.75
CA ILE A 39 -1.60 -7.78 -8.77
C ILE A 39 -1.75 -7.10 -10.13
N THR A 40 -2.29 -5.90 -10.17
CA THR A 40 -2.61 -5.25 -11.45
C THR A 40 -1.47 -4.42 -12.02
N THR A 41 -0.34 -4.31 -11.33
CA THR A 41 0.82 -3.62 -11.86
C THR A 41 1.71 -4.60 -12.59
N ARG A 42 2.02 -4.31 -13.85
CA ARG A 42 2.86 -5.20 -14.65
C ARG A 42 4.29 -5.17 -14.14
N LYS A 43 4.83 -6.33 -13.80
CA LYS A 43 6.18 -6.41 -13.27
C LYS A 43 7.19 -5.88 -14.28
N GLY A 44 8.04 -4.95 -13.84
CA GLY A 44 9.01 -4.32 -14.69
C GLY A 44 8.58 -2.97 -15.24
N SER A 45 7.31 -2.60 -15.09
CA SER A 45 6.82 -1.35 -15.65
C SER A 45 7.13 -0.16 -14.75
N ARG A 46 7.36 -0.39 -13.46
CA ARG A 46 7.64 0.69 -12.53
C ARG A 46 9.14 0.92 -12.47
N PRO A 47 9.65 2.04 -12.99
CA PRO A 47 11.11 2.19 -13.08
C PRO A 47 11.80 2.34 -11.74
N PHE A 48 11.12 2.87 -10.73
CA PHE A 48 11.71 2.98 -9.40
C PHE A 48 11.90 1.62 -8.74
N ASP A 49 11.17 0.60 -9.20
CA ASP A 49 11.27 -0.75 -8.64
C ASP A 49 10.84 -1.72 -9.71
N PRO A 50 11.77 -2.15 -10.57
CA PRO A 50 11.42 -3.09 -11.65
C PRO A 50 10.95 -4.45 -11.15
N GLU A 51 11.13 -4.75 -9.86
CA GLU A 51 10.68 -6.01 -9.29
C GLU A 51 9.23 -5.97 -8.84
N PHE A 52 8.63 -4.79 -8.74
CA PHE A 52 7.27 -4.66 -8.23
C PHE A 52 6.25 -5.09 -9.28
N GLY A 53 5.27 -5.86 -8.85
CA GLY A 53 4.16 -6.24 -9.70
C GLY A 53 4.15 -7.73 -10.01
N CYS A 54 3.26 -8.09 -10.93
CA CYS A 54 3.09 -9.47 -11.35
C CYS A 54 3.31 -9.60 -12.86
N ASP A 55 3.83 -10.76 -13.26
CA ASP A 55 4.06 -11.06 -14.67
C ASP A 55 2.81 -11.70 -15.23
N LEU A 56 1.98 -10.88 -15.90
CA LEU A 56 0.71 -11.34 -16.47
C LEU A 56 0.65 -10.87 -17.92
N SER A 57 1.50 -11.47 -18.76
CA SER A 57 1.53 -11.10 -20.17
C SER A 57 0.25 -11.55 -20.88
N ASP A 58 0.02 -10.98 -22.07
CA ASP A 58 -1.17 -11.32 -22.83
C ASP A 58 -1.11 -12.74 -23.37
N GLN A 59 0.09 -13.23 -23.70
CA GLN A 59 0.21 -14.62 -24.15
C GLN A 59 -0.23 -15.60 -23.06
N LEU A 60 -0.11 -15.20 -21.80
CA LEU A 60 -0.56 -16.05 -20.70
C LEU A 60 -2.07 -16.23 -20.72
N PHE A 61 -2.80 -15.25 -21.25
CA PHE A 61 -4.25 -15.36 -21.40
C PHE A 61 -4.67 -15.93 -22.75
N GLU A 62 -3.87 -15.72 -23.79
CA GLU A 62 -4.19 -16.26 -25.11
C GLU A 62 -3.89 -17.75 -25.21
N ASN A 63 -2.91 -18.24 -24.47
CA ASN A 63 -2.49 -19.64 -24.51
C ASN A 63 -2.67 -20.23 -23.11
N MSE A 64 -3.92 -20.45 -22.74
CA MSE A 64 -4.24 -20.94 -21.40
C MSE A 64 -4.19 -22.48 -21.32
O MSE A 64 -4.78 -23.16 -22.15
CB MSE A 64 -5.63 -20.44 -21.00
CG MSE A 64 -5.72 -19.89 -19.60
SE MSE A 64 -7.45 -19.03 -19.31
CE MSE A 64 -6.98 -17.22 -19.85
N THR A 65 -3.46 -22.99 -20.34
CA THR A 65 -3.25 -24.40 -20.11
C THR A 65 -3.54 -24.73 -18.65
N PRO A 66 -3.70 -26.01 -18.31
CA PRO A 66 -3.91 -26.39 -16.90
C PRO A 66 -2.72 -26.12 -15.99
N LEU A 67 -1.61 -25.60 -16.52
CA LEU A 67 -0.49 -25.16 -15.68
C LEU A 67 -0.47 -23.66 -15.46
N THR A 68 -1.22 -22.91 -16.28
CA THR A 68 -1.30 -21.46 -16.11
C THR A 68 -1.78 -21.10 -14.70
N ALA A 69 -2.79 -21.82 -14.19
CA ALA A 69 -3.30 -21.51 -12.86
C ALA A 69 -2.22 -21.63 -11.80
N ASP A 70 -1.42 -22.69 -11.85
CA ASP A 70 -0.41 -22.91 -10.83
C ASP A 70 0.73 -21.90 -10.95
N THR A 71 1.16 -21.60 -12.17
CA THR A 71 2.25 -20.63 -12.33
C THR A 71 1.82 -19.24 -11.89
N VAL A 72 0.61 -18.83 -12.26
CA VAL A 72 0.08 -17.54 -11.83
C VAL A 72 -0.08 -17.52 -10.30
N GLU A 73 -0.47 -18.65 -9.72
CA GLU A 73 -0.58 -18.74 -8.27
C GLU A 73 0.77 -18.48 -7.59
N ARG A 74 1.83 -19.15 -8.07
CA ARG A 74 3.14 -18.92 -7.49
C ARG A 74 3.60 -17.48 -7.69
N ASN A 75 3.39 -16.94 -8.90
CA ASN A 75 3.78 -15.58 -9.20
C ASN A 75 3.14 -14.59 -8.23
N ILE A 76 1.81 -14.67 -8.09
CA ILE A 76 1.10 -13.75 -7.21
C ILE A 76 1.52 -13.95 -5.76
N GLU A 77 1.65 -15.21 -5.33
CA GLU A 77 2.04 -15.48 -3.94
C GLU A 77 3.39 -14.84 -3.62
N SER A 78 4.38 -15.01 -4.51
CA SER A 78 5.69 -14.45 -4.25
C SER A 78 5.64 -12.92 -4.26
N ALA A 79 4.87 -12.34 -5.19
CA ALA A 79 4.74 -10.88 -5.21
C ALA A 79 4.12 -10.36 -3.92
N VAL A 80 3.10 -11.04 -3.41
CA VAL A 80 2.43 -10.59 -2.18
C VAL A 80 3.36 -10.74 -0.99
N ARG A 81 4.10 -11.85 -0.92
CA ARG A 81 5.06 -12.02 0.16
C ARG A 81 6.15 -10.95 0.11
N ASN A 82 6.53 -10.52 -1.09
CA ASN A 82 7.58 -9.53 -1.22
C ASN A 82 7.11 -8.11 -0.96
N TYR A 83 5.83 -7.79 -1.21
CA TYR A 83 5.41 -6.40 -1.22
C TYR A 83 4.22 -6.09 -0.31
N GLU A 84 3.74 -7.06 0.47
CA GLU A 84 2.69 -6.81 1.46
C GLU A 84 3.00 -7.63 2.71
N PRO A 85 3.91 -7.15 3.56
CA PRO A 85 4.31 -7.93 4.73
C PRO A 85 3.27 -7.97 5.84
N ARG A 86 2.17 -7.23 5.74
CA ARG A 86 1.14 -7.27 6.75
C ARG A 86 0.23 -8.49 6.63
N ILE A 87 0.39 -9.28 5.56
CA ILE A 87 -0.42 -10.48 5.36
C ILE A 87 0.28 -11.67 6.00
N ASP A 88 -0.44 -12.37 6.87
CA ASP A 88 0.10 -13.54 7.55
C ASP A 88 -0.12 -14.80 6.72
N LYS A 89 -1.26 -15.46 6.93
CA LYS A 89 -1.59 -16.63 6.13
C LYS A 89 -2.04 -16.20 4.74
N LEU A 90 -1.62 -16.95 3.73
CA LEU A 90 -1.87 -16.57 2.34
C LEU A 90 -2.14 -17.82 1.51
N ALA A 91 -3.17 -17.75 0.68
CA ALA A 91 -3.53 -18.82 -0.23
C ALA A 91 -4.14 -18.20 -1.47
N VAL A 92 -3.58 -18.50 -2.63
CA VAL A 92 -4.02 -17.96 -3.90
C VAL A 92 -4.53 -19.11 -4.76
N ASN A 93 -5.72 -18.95 -5.32
CA ASN A 93 -6.31 -19.93 -6.22
C ASN A 93 -6.71 -19.25 -7.50
N VAL A 94 -6.23 -19.76 -8.63
CA VAL A 94 -6.50 -19.20 -9.95
C VAL A 94 -7.38 -20.17 -10.72
N ILE A 95 -8.50 -19.67 -11.22
CA ILE A 95 -9.46 -20.42 -12.04
C ILE A 95 -9.29 -19.96 -13.48
N PRO A 96 -8.86 -20.81 -14.39
CA PRO A 96 -8.79 -20.43 -15.81
C PRO A 96 -10.15 -20.55 -16.46
N VAL A 97 -10.69 -19.43 -16.94
CA VAL A 97 -11.96 -19.39 -17.66
C VAL A 97 -11.62 -19.35 -19.14
N TYR A 98 -11.59 -20.53 -19.76
CA TYR A 98 -11.07 -20.64 -21.12
C TYR A 98 -12.00 -20.02 -22.16
N ASP A 99 -13.31 -20.08 -21.94
CA ASP A 99 -14.25 -19.66 -22.97
C ASP A 99 -14.22 -18.15 -23.20
N ASP A 100 -13.94 -17.37 -22.16
CA ASP A 100 -13.78 -15.92 -22.31
C ASP A 100 -12.34 -15.47 -22.13
N TYR A 101 -11.40 -16.40 -21.98
CA TYR A 101 -9.97 -16.10 -21.87
C TYR A 101 -9.69 -15.18 -20.68
N THR A 102 -10.27 -15.51 -19.54
CA THR A 102 -10.04 -14.72 -18.33
C THR A 102 -9.50 -15.61 -17.23
N LEU A 103 -9.08 -14.98 -16.14
CA LEU A 103 -8.60 -15.69 -14.96
C LEU A 103 -9.31 -15.16 -13.73
N ILE A 104 -9.82 -16.05 -12.91
CA ILE A 104 -10.38 -15.69 -11.62
C ILE A 104 -9.29 -15.85 -10.57
N VAL A 105 -8.95 -14.78 -9.88
CA VAL A 105 -7.94 -14.82 -8.83
C VAL A 105 -8.66 -14.69 -7.49
N GLU A 106 -8.54 -15.72 -6.67
CA GLU A 106 -9.15 -15.77 -5.35
C GLU A 106 -8.02 -15.77 -4.33
N ILE A 107 -7.97 -14.71 -3.52
CA ILE A 107 -6.91 -14.53 -2.54
C ILE A 107 -7.53 -14.59 -1.15
N ARG A 108 -7.18 -15.61 -0.38
CA ARG A 108 -7.59 -15.74 1.01
C ARG A 108 -6.35 -15.52 1.88
N PHE A 109 -6.49 -14.67 2.90
CA PHE A 109 -5.34 -14.22 3.65
C PHE A 109 -5.76 -13.82 5.06
N SER A 110 -4.78 -13.63 5.93
CA SER A 110 -5.02 -13.09 7.25
C SER A 110 -4.02 -11.98 7.52
N VAL A 111 -4.41 -11.03 8.38
CA VAL A 111 -3.60 -9.88 8.73
C VAL A 111 -2.77 -10.22 9.96
N ILE A 112 -1.53 -9.71 9.99
CA ILE A 112 -0.60 -9.99 11.08
C ILE A 112 -1.25 -9.69 12.44
N ASP A 113 -2.01 -8.60 12.52
CA ASP A 113 -2.58 -8.21 13.82
C ASP A 113 -3.64 -9.20 14.28
N ASN A 114 -4.46 -9.71 13.37
CA ASN A 114 -5.52 -10.67 13.70
C ASN A 114 -5.36 -11.90 12.81
N PRO A 115 -4.37 -12.74 13.09
CA PRO A 115 -4.10 -13.90 12.24
C PRO A 115 -5.19 -14.96 12.27
N ASP A 116 -6.25 -14.77 13.05
CA ASP A 116 -7.32 -15.75 13.15
C ASP A 116 -8.32 -15.60 12.01
N ASP A 117 -8.75 -14.37 11.74
CA ASP A 117 -9.78 -14.11 10.75
C ASP A 117 -9.24 -14.25 9.34
N ILE A 118 -9.99 -14.95 8.49
CA ILE A 118 -9.64 -15.14 7.09
C ILE A 118 -10.42 -14.12 6.27
N GLU A 119 -9.70 -13.17 5.69
CA GLU A 119 -10.25 -12.24 4.71
C GLU A 119 -10.01 -12.77 3.31
N GLN A 120 -10.64 -12.14 2.33
CA GLN A 120 -10.66 -12.67 0.97
C GLN A 120 -10.97 -11.55 -0.01
N ILE A 121 -10.31 -11.61 -1.17
CA ILE A 121 -10.71 -10.82 -2.33
C ILE A 121 -10.77 -11.74 -3.54
N LYS A 122 -11.48 -11.28 -4.56
CA LYS A 122 -11.73 -12.10 -5.75
C LYS A 122 -11.78 -11.17 -6.96
N LEU A 123 -10.82 -11.31 -7.87
CA LEU A 123 -10.71 -10.47 -9.04
C LEU A 123 -10.84 -11.31 -10.30
N GLN A 124 -11.08 -10.64 -11.42
CA GLN A 124 -11.09 -11.27 -12.73
C GLN A 124 -10.16 -10.49 -13.65
N LEU A 125 -9.11 -11.15 -14.15
CA LEU A 125 -8.11 -10.55 -15.01
C LEU A 125 -8.35 -10.95 -16.47
N ALA A 126 -8.18 -9.99 -17.38
CA ALA A 126 -8.20 -10.23 -18.83
C ALA A 126 -6.87 -9.88 -19.49
N SER A 127 -6.90 -8.92 -20.42
CA SER A 127 -5.71 -8.47 -21.15
C SER A 127 -5.87 -7.01 -21.58
N ASN B 4 36.56 -16.93 22.05
CA ASN B 4 35.73 -17.45 20.98
C ASN B 4 34.26 -17.43 21.36
N LYS B 5 33.98 -17.40 22.67
CA LYS B 5 32.61 -17.40 23.15
C LYS B 5 32.00 -16.01 22.96
N LEU B 6 30.97 -15.93 22.12
CA LEU B 6 30.32 -14.67 21.78
C LEU B 6 28.97 -14.51 22.48
N TYR B 7 28.79 -15.13 23.64
CA TYR B 7 27.49 -15.13 24.30
C TYR B 7 27.12 -13.75 24.82
N SER B 8 26.71 -12.87 23.89
CA SER B 8 26.16 -11.57 24.23
C SER B 8 24.64 -11.59 24.28
N ASP B 9 24.01 -12.43 23.47
CA ASP B 9 22.57 -12.56 23.43
C ASP B 9 21.96 -13.01 24.75
N ILE B 10 22.79 -13.44 25.71
CA ILE B 10 22.27 -13.93 26.98
C ILE B 10 21.66 -12.79 27.79
N ASP B 11 22.28 -11.61 27.76
CA ASP B 11 21.74 -10.47 28.49
C ASP B 11 20.65 -9.81 27.65
N PRO B 12 19.49 -9.48 28.24
CA PRO B 12 18.41 -8.88 27.44
C PRO B 12 18.77 -7.53 26.85
N GLU B 13 19.58 -6.73 27.56
CA GLU B 13 20.00 -5.44 27.02
C GLU B 13 20.96 -5.61 25.85
N MSE B 14 21.71 -6.71 25.82
CA MSE B 14 22.70 -6.94 24.78
C MSE B 14 22.18 -7.83 23.66
O MSE B 14 22.94 -8.45 22.93
CB MSE B 14 23.95 -7.58 25.38
CG MSE B 14 24.57 -6.76 26.50
SE MSE B 14 26.44 -6.40 26.17
CE MSE B 14 26.59 -4.83 27.32
N LYS B 15 20.85 -7.87 23.53
CA LYS B 15 20.22 -8.73 22.54
C LYS B 15 20.15 -8.02 21.20
N MSE B 16 20.67 -8.65 20.16
CA MSE B 16 20.62 -8.07 18.83
CA MSE B 16 20.66 -8.08 18.81
C MSE B 16 19.95 -9.02 17.84
O MSE B 16 19.99 -10.24 18.00
CB MSE B 16 22.01 -7.70 18.33
CB MSE B 16 22.08 -7.82 18.31
CG MSE B 16 23.11 -7.85 19.35
CG MSE B 16 22.88 -6.81 19.12
SE MSE B 16 24.75 -6.96 18.76
SE MSE B 16 24.69 -6.55 18.43
CE MSE B 16 24.19 -5.12 19.07
CE MSE B 16 25.47 -8.29 18.89
N ASP B 17 19.29 -8.43 16.84
CA ASP B 17 18.69 -9.20 15.74
C ASP B 17 19.05 -8.46 14.46
N TRP B 18 20.01 -9.01 13.72
CA TRP B 18 20.55 -8.35 12.54
C TRP B 18 19.64 -8.50 11.32
N ASN B 19 18.53 -9.23 11.43
CA ASN B 19 17.56 -9.32 10.35
C ASN B 19 16.46 -8.28 10.45
N LYS B 20 16.32 -7.61 11.60
CA LYS B 20 15.26 -6.61 11.75
C LYS B 20 15.47 -5.42 10.82
N ASP B 21 16.72 -5.00 10.63
CA ASP B 21 17.00 -3.92 9.69
C ASP B 21 16.65 -4.33 8.26
N VAL B 22 16.87 -5.60 7.92
CA VAL B 22 16.49 -6.10 6.61
C VAL B 22 14.97 -6.06 6.44
N SER B 23 14.23 -6.57 7.43
CA SER B 23 12.77 -6.54 7.37
C SER B 23 12.26 -5.11 7.30
N ARG B 24 12.93 -4.19 7.99
CA ARG B 24 12.55 -2.78 7.92
C ARG B 24 12.79 -2.22 6.52
N SER B 25 13.89 -2.62 5.88
CA SER B 25 14.14 -2.18 4.50
C SER B 25 13.06 -2.69 3.55
N LEU B 26 12.71 -3.98 3.66
CA LEU B 26 11.66 -4.53 2.82
C LEU B 26 10.33 -3.82 3.08
N GLY B 27 10.05 -3.52 4.35
CA GLY B 27 8.84 -2.78 4.68
C GLY B 27 8.82 -1.39 4.07
N LEU B 28 9.98 -0.72 4.08
CA LEU B 28 10.07 0.61 3.49
C LEU B 28 9.86 0.55 1.98
N ARG B 29 10.45 -0.44 1.31
CA ARG B 29 10.21 -0.59 -0.12
C ARG B 29 8.73 -0.82 -0.42
N SER B 30 8.07 -1.68 0.37
CA SER B 30 6.65 -1.90 0.16
C SER B 30 5.84 -0.65 0.45
N ILE B 31 6.26 0.17 1.41
CA ILE B 31 5.56 1.41 1.70
C ILE B 31 5.68 2.39 0.54
N LYS B 32 6.89 2.55 -0.02
CA LYS B 32 7.05 3.45 -1.16
C LYS B 32 6.22 2.99 -2.35
N ASN B 33 6.18 1.67 -2.60
CA ASN B 33 5.37 1.17 -3.69
C ASN B 33 3.88 1.44 -3.45
N SER B 34 3.42 1.23 -2.20
CA SER B 34 2.04 1.55 -1.86
C SER B 34 1.74 3.04 -2.07
N LEU B 35 2.67 3.91 -1.67
CA LEU B 35 2.54 5.34 -1.89
C LEU B 35 2.35 5.65 -3.36
N LEU B 36 3.21 5.10 -4.22
CA LEU B 36 3.08 5.35 -5.65
C LEU B 36 1.72 4.90 -6.16
N GLY B 37 1.28 3.71 -5.74
CA GLY B 37 -0.04 3.24 -6.11
C GLY B 37 -1.14 4.22 -5.72
N ILE B 38 -1.06 4.76 -4.51
CA ILE B 38 -2.07 5.70 -4.04
C ILE B 38 -2.05 7.00 -4.85
N ILE B 39 -0.85 7.50 -5.14
CA ILE B 39 -0.70 8.80 -5.79
C ILE B 39 -1.14 8.73 -7.25
N THR B 40 -0.89 7.60 -7.92
CA THR B 40 -1.10 7.52 -9.36
C THR B 40 -2.41 6.86 -9.74
N THR B 41 -3.28 6.55 -8.78
CA THR B 41 -4.60 6.01 -9.08
C THR B 41 -5.63 7.12 -8.98
N ARG B 42 -6.43 7.28 -10.03
CA ARG B 42 -7.46 8.31 -10.04
C ARG B 42 -8.56 7.94 -9.06
N LYS B 43 -8.86 8.86 -8.14
CA LYS B 43 -9.91 8.61 -7.15
C LYS B 43 -11.24 8.40 -7.85
N GLY B 44 -11.92 7.32 -7.49
CA GLY B 44 -13.18 6.94 -8.10
C GLY B 44 -13.05 5.90 -9.20
N SER B 45 -11.86 5.69 -9.74
CA SER B 45 -11.67 4.75 -10.83
C SER B 45 -11.59 3.30 -10.37
N ARG B 46 -11.43 3.05 -9.07
CA ARG B 46 -11.32 1.70 -8.56
C ARG B 46 -12.70 1.25 -8.08
N PRO B 47 -13.31 0.25 -8.72
CA PRO B 47 -14.73 -0.04 -8.41
C PRO B 47 -14.94 -0.58 -7.01
N PHE B 48 -14.02 -1.40 -6.50
CA PHE B 48 -14.18 -1.97 -5.16
C PHE B 48 -14.00 -0.93 -4.07
N ASP B 49 -13.37 0.21 -4.38
CA ASP B 49 -13.14 1.26 -3.39
C ASP B 49 -13.10 2.60 -4.12
N PRO B 50 -14.26 3.21 -4.35
CA PRO B 50 -14.27 4.50 -5.05
C PRO B 50 -13.62 5.63 -4.27
N GLU B 51 -13.34 5.45 -2.99
CA GLU B 51 -12.60 6.45 -2.22
C GLU B 51 -11.09 6.33 -2.40
N PHE B 52 -10.60 5.27 -3.03
CA PHE B 52 -9.16 5.08 -3.18
C PHE B 52 -8.61 5.92 -4.30
N GLY B 53 -7.46 6.54 -4.06
CA GLY B 53 -6.75 7.31 -5.06
C GLY B 53 -6.73 8.79 -4.73
N CYS B 54 -6.33 9.58 -5.72
CA CYS B 54 -6.22 11.02 -5.59
C CYS B 54 -7.02 11.71 -6.68
N ASP B 55 -7.38 12.97 -6.41
CA ASP B 55 -8.08 13.81 -7.38
C ASP B 55 -7.04 14.55 -8.21
N LEU B 56 -6.51 13.84 -9.21
CA LEU B 56 -5.53 14.40 -10.15
C LEU B 56 -6.10 14.19 -11.55
N SER B 57 -6.84 15.18 -12.04
CA SER B 57 -7.55 15.09 -13.30
C SER B 57 -6.87 15.92 -14.37
N ASP B 58 -7.23 15.60 -15.63
CA ASP B 58 -6.75 16.39 -16.76
C ASP B 58 -7.14 17.85 -16.61
N GLN B 59 -8.30 18.12 -16.02
CA GLN B 59 -8.68 19.50 -15.74
C GLN B 59 -7.77 20.12 -14.70
N LEU B 60 -7.40 19.35 -13.68
CA LEU B 60 -6.47 19.86 -12.67
C LEU B 60 -5.13 20.23 -13.29
N PHE B 61 -4.62 19.40 -14.21
CA PHE B 61 -3.34 19.71 -14.82
C PHE B 61 -3.43 20.81 -15.87
N GLU B 62 -4.59 20.93 -16.53
CA GLU B 62 -4.72 21.92 -17.60
C GLU B 62 -4.97 23.32 -17.05
N ASN B 63 -5.78 23.43 -16.01
CA ASN B 63 -6.13 24.74 -15.43
C ASN B 63 -5.33 24.99 -14.16
N MSE B 64 -4.01 25.02 -14.35
CA MSE B 64 -3.04 25.08 -13.26
C MSE B 64 -2.79 26.52 -12.81
O MSE B 64 -2.42 27.37 -13.61
CB MSE B 64 -1.75 24.41 -13.71
CG MSE B 64 -0.72 24.17 -12.64
SE MSE B 64 0.67 22.98 -13.34
CE MSE B 64 -0.36 21.33 -13.39
N THR B 65 -3.00 26.78 -11.53
CA THR B 65 -2.83 28.09 -10.91
C THR B 65 -1.90 27.98 -9.72
N PRO B 66 -1.52 29.12 -9.13
CA PRO B 66 -0.72 29.07 -7.88
C PRO B 66 -1.45 28.53 -6.67
N LEU B 67 -2.72 28.14 -6.76
CA LEU B 67 -3.43 27.47 -5.67
C LEU B 67 -3.46 25.96 -5.83
N THR B 68 -3.17 25.48 -7.04
CA THR B 68 -3.15 24.05 -7.32
C THR B 68 -2.22 23.31 -6.36
N ALA B 69 -1.07 23.91 -6.05
CA ALA B 69 -0.08 23.23 -5.22
C ALA B 69 -0.66 22.85 -3.85
N ASP B 70 -1.27 23.82 -3.17
CA ASP B 70 -1.84 23.54 -1.86
C ASP B 70 -3.01 22.57 -1.97
N THR B 71 -3.84 22.72 -3.01
CA THR B 71 -4.94 21.76 -3.21
C THR B 71 -4.41 20.32 -3.31
N VAL B 72 -3.40 20.11 -4.16
CA VAL B 72 -2.86 18.78 -4.39
C VAL B 72 -2.15 18.26 -3.14
N GLU B 73 -1.47 19.15 -2.41
CA GLU B 73 -0.84 18.74 -1.15
C GLU B 73 -1.87 18.20 -0.17
N ARG B 74 -2.99 18.91 0.00
CA ARG B 74 -4.01 18.44 0.92
C ARG B 74 -4.64 17.13 0.45
N ASN B 75 -4.95 17.03 -0.83
CA ASN B 75 -5.56 15.80 -1.35
CA ASN B 75 -5.56 15.81 -1.36
C ASN B 75 -4.64 14.60 -1.15
N ILE B 76 -3.35 14.76 -1.47
CA ILE B 76 -2.39 13.67 -1.32
C ILE B 76 -2.23 13.30 0.15
N GLU B 77 -2.09 14.31 1.03
CA GLU B 77 -2.01 14.04 2.46
C GLU B 77 -3.20 13.23 2.95
N SER B 78 -4.40 13.61 2.52
CA SER B 78 -5.59 12.87 2.95
C SER B 78 -5.56 11.44 2.46
N ALA B 79 -5.25 11.24 1.17
CA ALA B 79 -5.19 9.89 0.64
C ALA B 79 -4.17 9.04 1.39
N VAL B 80 -3.01 9.61 1.73
CA VAL B 80 -1.98 8.85 2.44
C VAL B 80 -2.44 8.51 3.85
N ARG B 81 -3.07 9.46 4.55
CA ARG B 81 -3.58 9.16 5.88
C ARG B 81 -4.65 8.07 5.84
N ASN B 82 -5.48 8.07 4.80
CA ASN B 82 -6.58 7.12 4.70
C ASN B 82 -6.13 5.74 4.23
N TYR B 83 -5.04 5.64 3.48
CA TYR B 83 -4.72 4.38 2.81
C TYR B 83 -3.31 3.87 3.03
N GLU B 84 -2.48 4.54 3.83
CA GLU B 84 -1.17 4.02 4.20
C GLU B 84 -0.94 4.31 5.67
N PRO B 85 -1.53 3.48 6.56
CA PRO B 85 -1.42 3.75 8.00
C PRO B 85 -0.05 3.47 8.59
N ARG B 86 0.90 2.94 7.81
CA ARG B 86 2.24 2.73 8.33
C ARG B 86 3.07 4.00 8.32
N ILE B 87 2.59 5.07 7.70
CA ILE B 87 3.31 6.34 7.63
C ILE B 87 2.95 7.19 8.84
N ASP B 88 3.96 7.59 9.60
CA ASP B 88 3.78 8.43 10.78
C ASP B 88 3.81 9.91 10.39
N LYS B 89 4.99 10.52 10.45
CA LYS B 89 5.12 11.91 10.04
C LYS B 89 5.03 12.03 8.53
N LEU B 90 4.38 13.11 8.07
CA LEU B 90 4.05 13.24 6.65
C LEU B 90 4.05 14.71 6.25
N ALA B 91 4.79 15.03 5.19
CA ALA B 91 4.84 16.36 4.61
C ALA B 91 4.89 16.22 3.10
N VAL B 92 3.92 16.83 2.42
CA VAL B 92 3.83 16.79 0.96
C VAL B 92 4.06 18.20 0.43
N ASN B 93 5.07 18.35 -0.42
CA ASN B 93 5.39 19.62 -1.05
CA ASN B 93 5.40 19.62 -1.05
C ASN B 93 5.23 19.47 -2.55
N VAL B 94 4.35 20.29 -3.14
CA VAL B 94 4.06 20.24 -4.56
C VAL B 94 4.51 21.55 -5.20
N ILE B 95 5.30 21.44 -6.26
CA ILE B 95 5.81 22.58 -7.01
C ILE B 95 5.29 22.48 -8.43
N PRO B 96 4.53 23.45 -8.93
CA PRO B 96 3.98 23.34 -10.28
C PRO B 96 5.03 23.64 -11.34
N VAL B 97 4.86 22.96 -12.47
CA VAL B 97 5.64 23.22 -13.69
C VAL B 97 4.62 23.58 -14.76
N TYR B 98 4.38 24.89 -14.92
CA TYR B 98 3.26 25.35 -15.72
C TYR B 98 3.48 25.08 -17.20
N ASP B 99 4.67 25.41 -17.71
CA ASP B 99 4.93 25.25 -19.14
C ASP B 99 4.84 23.81 -19.60
N ASP B 100 4.93 22.85 -18.67
CA ASP B 100 4.77 21.43 -18.98
C ASP B 100 3.41 20.88 -18.57
N TYR B 101 2.60 21.67 -17.87
CA TYR B 101 1.38 21.15 -17.24
C TYR B 101 1.69 19.96 -16.33
N THR B 102 2.78 20.04 -15.58
CA THR B 102 3.17 18.92 -14.73
C THR B 102 3.33 19.39 -13.29
N LEU B 103 3.44 18.42 -12.38
CA LEU B 103 3.55 18.69 -10.95
C LEU B 103 4.75 17.94 -10.40
N ILE B 104 5.56 18.64 -9.61
CA ILE B 104 6.64 18.01 -8.85
C ILE B 104 6.09 17.71 -7.45
N VAL B 105 6.03 16.43 -7.10
CA VAL B 105 5.48 16.00 -5.82
C VAL B 105 6.61 15.40 -4.99
N GLU B 106 6.89 16.04 -3.86
CA GLU B 106 7.87 15.57 -2.89
C GLU B 106 7.13 15.10 -1.64
N ILE B 107 7.41 13.89 -1.19
CA ILE B 107 6.78 13.31 -0.02
C ILE B 107 7.87 12.93 0.96
N ARG B 108 7.92 13.61 2.10
CA ARG B 108 8.80 13.27 3.20
C ARG B 108 7.95 12.64 4.30
N PHE B 109 8.41 11.53 4.86
CA PHE B 109 7.58 10.77 5.78
C PHE B 109 8.46 9.92 6.67
N SER B 110 7.89 9.48 7.78
CA SER B 110 8.54 8.49 8.62
C SER B 110 7.64 7.27 8.73
N VAL B 111 8.25 6.15 9.10
CA VAL B 111 7.52 4.88 9.26
C VAL B 111 7.21 4.69 10.74
N ILE B 112 6.06 4.07 11.00
CA ILE B 112 5.56 3.89 12.37
C ILE B 112 6.59 3.16 13.24
N ASP B 113 7.23 2.12 12.68
CA ASP B 113 8.08 1.26 13.51
C ASP B 113 9.26 2.04 14.10
N ASN B 114 9.81 2.98 13.35
CA ASN B 114 10.86 3.87 13.87
C ASN B 114 10.60 5.29 13.35
N PRO B 115 9.99 6.14 14.17
CA PRO B 115 9.53 7.45 13.68
C PRO B 115 10.61 8.51 13.57
N ASP B 116 11.88 8.17 13.79
CA ASP B 116 12.92 9.19 13.74
C ASP B 116 13.42 9.42 12.32
N ASP B 117 13.63 8.35 11.56
CA ASP B 117 14.27 8.45 10.24
C ASP B 117 13.29 8.96 9.20
N ILE B 118 13.70 10.00 8.49
CA ILE B 118 12.89 10.65 7.47
C ILE B 118 13.26 10.07 6.10
N GLU B 119 12.28 9.48 5.44
CA GLU B 119 12.39 8.99 4.07
C GLU B 119 11.65 9.94 3.13
N GLN B 120 11.84 9.73 1.83
CA GLN B 120 11.20 10.62 0.87
C GLN B 120 11.12 9.94 -0.49
N ILE B 121 10.11 10.34 -1.25
CA ILE B 121 10.07 10.09 -2.69
C ILE B 121 9.77 11.41 -3.38
N LYS B 122 10.17 11.50 -4.65
CA LYS B 122 9.99 12.71 -5.43
C LYS B 122 9.67 12.29 -6.84
N LEU B 123 8.48 12.69 -7.33
CA LEU B 123 8.00 12.20 -8.61
C LEU B 123 7.34 13.34 -9.40
N GLN B 124 7.30 13.17 -10.71
CA GLN B 124 6.60 14.09 -11.61
C GLN B 124 5.29 13.47 -12.05
N LEU B 125 4.23 14.28 -12.02
CA LEU B 125 2.91 13.84 -12.45
C LEU B 125 2.42 14.69 -13.61
N ALA B 126 1.76 14.05 -14.56
CA ALA B 126 1.21 14.72 -15.73
C ALA B 126 -0.16 14.13 -16.04
N SER B 127 -0.87 14.81 -16.95
CA SER B 127 -2.21 14.38 -17.35
C SER B 127 -2.10 13.20 -18.31
N SER B 128 -3.24 12.77 -18.86
CA SER B 128 -3.26 11.65 -19.79
C SER B 128 -3.64 12.10 -21.19
#